data_6TJN
#
_entry.id   6TJN
#
_cell.length_a   43.190
_cell.length_b   85.870
_cell.length_c   63.940
_cell.angle_alpha   90.000
_cell.angle_beta   90.000
_cell.angle_gamma   90.000
#
_symmetry.space_group_name_H-M   'P 21 21 2'
#
loop_
_entity.id
_entity.type
_entity.pdbx_description
1 polymer Transthyretin
2 non-polymer '3-[(~{E})-(4-hydroxyphenyl)methylideneamino]oxypropanoic acid'
3 water water
#
_entity_poly.entity_id   1
_entity_poly.type   'polypeptide(L)'
_entity_poly.pdbx_seq_one_letter_code
;GGPTGTGESKCPLMVKVLDAVRGSPAINVAVHVFRKAADDTWEPFASGKTSESGELHGLTTEEEFVEGIYKVEIDTKSYW
KALGISPFHEHAEVVFTANDSGPRRYTIAALLSPYSYSTTAVVTNPKE
;
_entity_poly.pdbx_strand_id   A,B
#
loop_
_chem_comp.id
_chem_comp.type
_chem_comp.name
_chem_comp.formula
NEK non-polymer '3-[(~{E})-(4-hydroxyphenyl)methylideneamino]oxypropanoic acid' 'C10 H11 N O4'
#
# COMPACT_ATOMS: atom_id res chain seq x y z
N LYS A 10 17.88 -9.78 16.64
CA LYS A 10 16.84 -10.20 17.61
C LYS A 10 15.54 -9.44 17.38
N CYS A 11 15.57 -8.43 16.52
N CYS A 11 15.55 -8.38 16.58
CA CYS A 11 14.38 -7.61 16.24
CA CYS A 11 14.34 -7.62 16.25
C CYS A 11 13.55 -8.35 15.20
C CYS A 11 13.52 -8.30 15.17
N PRO A 12 12.28 -8.69 15.45
CA PRO A 12 11.52 -9.44 14.47
C PRO A 12 10.80 -8.60 13.44
N LEU A 13 10.65 -7.30 13.67
CA LEU A 13 9.96 -6.44 12.70
C LEU A 13 10.69 -5.12 12.63
N MET A 14 11.23 -4.82 11.45
N MET A 14 11.24 -4.82 11.46
CA MET A 14 11.99 -3.61 11.18
CA MET A 14 11.99 -3.61 11.20
C MET A 14 11.42 -2.91 9.95
C MET A 14 11.43 -2.91 9.96
N VAL A 15 11.53 -1.59 9.94
CA VAL A 15 11.05 -0.79 8.82
C VAL A 15 12.18 0.11 8.37
N LYS A 16 12.42 0.13 7.05
N LYS A 16 12.41 0.14 7.05
CA LYS A 16 13.43 0.96 6.41
CA LYS A 16 13.43 0.96 6.41
C LYS A 16 12.78 1.78 5.31
C LYS A 16 12.78 1.78 5.31
N VAL A 17 13.02 3.09 5.32
CA VAL A 17 12.40 3.99 4.36
C VAL A 17 13.47 4.85 3.69
N LEU A 18 13.41 4.93 2.37
CA LEU A 18 14.30 5.74 1.53
C LEU A 18 13.51 6.78 0.72
N ASP A 19 14.16 7.91 0.46
CA ASP A 19 13.65 9.04 -0.32
C ASP A 19 14.32 9.05 -1.70
N ALA A 20 13.51 8.80 -2.75
CA ALA A 20 13.99 8.66 -4.11
C ALA A 20 14.22 9.99 -4.79
N VAL A 21 13.82 11.09 -4.17
CA VAL A 21 14.06 12.43 -4.69
C VAL A 21 15.42 12.94 -4.25
N ARG A 22 15.78 12.69 -3.00
CA ARG A 22 17.01 13.19 -2.42
C ARG A 22 18.14 12.16 -2.42
N GLY A 23 17.83 10.88 -2.61
CA GLY A 23 18.85 9.86 -2.54
C GLY A 23 19.40 9.71 -1.14
N SER A 24 18.49 9.59 -0.18
CA SER A 24 18.85 9.59 1.22
C SER A 24 17.83 8.77 1.99
N PRO A 25 18.18 8.37 3.21
CA PRO A 25 17.16 7.80 4.10
C PRO A 25 16.06 8.83 4.30
N ALA A 26 14.84 8.33 4.49
CA ALA A 26 13.71 9.18 4.86
C ALA A 26 13.62 9.23 6.38
N ILE A 27 13.96 10.39 6.96
N ILE A 27 13.98 10.37 6.96
CA ILE A 27 14.13 10.57 8.40
CA ILE A 27 14.13 10.47 8.41
C ILE A 27 12.84 11.09 9.03
C ILE A 27 12.85 11.03 9.04
N ASN A 28 12.57 10.64 10.26
N ASN A 28 12.57 10.60 10.26
CA ASN A 28 11.43 11.12 11.06
CA ASN A 28 11.44 11.09 11.06
C ASN A 28 10.09 10.79 10.40
C ASN A 28 10.09 10.79 10.41
N VAL A 29 9.99 9.65 9.73
CA VAL A 29 8.76 9.19 9.13
C VAL A 29 7.96 8.42 10.18
N ALA A 30 6.74 8.82 10.43
CA ALA A 30 5.90 8.11 11.39
C ALA A 30 5.42 6.80 10.78
N VAL A 31 5.41 5.76 11.62
CA VAL A 31 5.01 4.42 11.23
C VAL A 31 4.07 3.87 12.31
N HIS A 32 2.89 3.42 11.92
CA HIS A 32 1.93 2.80 12.83
C HIS A 32 1.68 1.37 12.39
N VAL A 33 1.74 0.45 13.33
CA VAL A 33 1.51 -0.97 13.07
C VAL A 33 0.23 -1.39 13.78
N PHE A 34 -0.57 -2.17 13.08
CA PHE A 34 -1.85 -2.69 13.57
C PHE A 34 -1.89 -4.18 13.34
N ARG A 35 -2.68 -4.88 14.17
CA ARG A 35 -2.91 -6.32 14.05
C ARG A 35 -4.41 -6.58 13.98
N LYS A 36 -4.83 -7.42 13.04
CA LYS A 36 -6.25 -7.74 12.90
C LYS A 36 -6.73 -8.58 14.08
N ALA A 37 -7.73 -8.07 14.79
CA ALA A 37 -8.29 -8.74 15.96
C ALA A 37 -9.31 -9.80 15.55
N ALA A 38 -9.73 -10.60 16.54
CA ALA A 38 -10.65 -11.70 16.28
C ALA A 38 -11.98 -11.22 15.74
N ASP A 39 -12.41 -10.03 16.12
CA ASP A 39 -13.62 -9.41 15.60
C ASP A 39 -13.39 -8.66 14.29
N ASP A 40 -12.24 -8.85 13.65
CA ASP A 40 -11.94 -8.34 12.30
C ASP A 40 -11.62 -6.85 12.27
N THR A 41 -11.33 -6.23 13.41
CA THR A 41 -10.92 -4.83 13.44
C THR A 41 -9.40 -4.72 13.53
N TRP A 42 -8.87 -3.54 13.21
CA TRP A 42 -7.45 -3.28 13.32
C TRP A 42 -7.08 -2.72 14.69
N GLU A 43 -6.43 -3.51 15.48
CA GLU A 43 -6.01 -3.12 16.82
C GLU A 43 -4.62 -2.51 16.77
N PRO A 44 -4.40 -1.38 17.44
CA PRO A 44 -3.05 -0.82 17.50
C PRO A 44 -2.09 -1.84 18.10
N PHE A 45 -0.93 -1.97 17.47
CA PHE A 45 0.10 -2.92 17.86
C PHE A 45 1.42 -2.27 18.25
N ALA A 46 1.91 -1.31 17.48
CA ALA A 46 3.17 -0.64 17.80
C ALA A 46 3.26 0.60 16.93
N SER A 47 4.09 1.54 17.35
CA SER A 47 4.38 2.68 16.47
C SER A 47 5.73 3.27 16.78
N GLY A 48 6.20 4.12 15.88
CA GLY A 48 7.46 4.79 16.08
C GLY A 48 7.75 5.70 14.91
N LYS A 49 8.97 6.23 14.88
N LYS A 49 8.98 6.23 14.90
CA LYS A 49 9.42 7.04 13.76
CA LYS A 49 9.48 7.09 13.85
C LYS A 49 10.82 6.63 13.33
C LYS A 49 10.84 6.62 13.34
N THR A 50 11.09 6.79 12.04
CA THR A 50 12.38 6.39 11.48
C THR A 50 13.50 7.30 11.99
N SER A 51 14.68 6.72 12.14
CA SER A 51 15.87 7.40 12.62
C SER A 51 16.56 8.16 11.48
N GLU A 52 17.75 8.69 11.79
CA GLU A 52 18.64 9.37 10.83
C GLU A 52 19.04 8.42 9.71
N SER A 53 19.07 7.13 9.98
CA SER A 53 19.39 6.14 8.96
C SER A 53 18.16 5.66 8.19
N GLY A 54 16.98 6.21 8.46
CA GLY A 54 15.76 5.78 7.82
C GLY A 54 15.18 4.50 8.36
N GLU A 55 15.70 4.04 9.49
CA GLU A 55 15.30 2.75 10.05
C GLU A 55 14.50 2.91 11.33
N LEU A 56 13.60 1.96 11.54
CA LEU A 56 12.80 1.91 12.76
C LEU A 56 12.91 0.50 13.29
N HIS A 57 13.52 0.38 14.47
CA HIS A 57 13.75 -0.86 15.17
C HIS A 57 12.99 -0.83 16.49
N GLY A 58 12.93 -1.98 17.14
CA GLY A 58 12.39 -2.02 18.49
C GLY A 58 10.90 -1.83 18.59
N LEU A 59 10.17 -2.14 17.52
CA LEU A 59 8.72 -2.02 17.53
C LEU A 59 8.09 -3.07 18.43
N THR A 60 8.63 -4.27 18.45
CA THR A 60 8.02 -5.37 19.18
C THR A 60 9.06 -6.41 19.56
N THR A 61 8.60 -7.44 20.26
CA THR A 61 9.45 -8.52 20.75
C THR A 61 8.96 -9.80 20.12
N GLU A 62 9.79 -10.83 20.16
N GLU A 62 9.80 -10.84 20.13
CA GLU A 62 9.41 -12.14 19.56
CA GLU A 62 9.35 -12.10 19.54
C GLU A 62 8.16 -12.69 20.27
C GLU A 62 8.11 -12.61 20.25
N GLU A 63 8.06 -12.43 21.57
CA GLU A 63 6.94 -12.93 22.37
C GLU A 63 5.61 -12.28 21.99
N GLU A 64 5.62 -10.97 21.76
N GLU A 64 5.62 -10.97 21.77
CA GLU A 64 4.37 -10.28 21.46
CA GLU A 64 4.39 -10.24 21.46
C GLU A 64 3.97 -10.39 20.00
C GLU A 64 3.98 -10.37 20.00
N PHE A 65 4.93 -10.68 19.12
CA PHE A 65 4.72 -10.68 17.68
C PHE A 65 4.22 -12.05 17.26
N VAL A 66 2.99 -12.34 17.62
CA VAL A 66 2.40 -13.64 17.34
C VAL A 66 1.89 -13.72 15.90
N GLU A 67 1.38 -14.88 15.52
CA GLU A 67 0.77 -15.04 14.21
C GLU A 67 -0.38 -14.05 14.09
N GLY A 68 -0.55 -13.50 12.89
CA GLY A 68 -1.70 -12.67 12.63
C GLY A 68 -1.54 -11.96 11.31
N ILE A 69 -2.53 -11.15 11.00
CA ILE A 69 -2.47 -10.25 9.86
C ILE A 69 -2.11 -8.86 10.41
N TYR A 70 -1.02 -8.31 9.90
CA TYR A 70 -0.49 -7.03 10.35
C TYR A 70 -0.61 -6.01 9.22
N LYS A 71 -0.74 -4.76 9.61
CA LYS A 71 -0.74 -3.63 8.70
C LYS A 71 0.28 -2.65 9.20
N VAL A 72 1.25 -2.33 8.35
CA VAL A 72 2.26 -1.32 8.60
C VAL A 72 1.88 -0.10 7.77
N GLU A 73 1.53 0.99 8.44
CA GLU A 73 1.12 2.25 7.80
C GLU A 73 2.29 3.21 7.92
N ILE A 74 2.84 3.64 6.79
CA ILE A 74 3.95 4.57 6.74
C ILE A 74 3.37 5.92 6.35
N ASP A 75 3.55 6.93 7.20
N ASP A 75 3.51 6.93 7.22
CA ASP A 75 2.87 8.21 7.04
CA ASP A 75 2.85 8.23 7.02
C ASP A 75 3.65 9.12 6.07
C ASP A 75 3.67 9.10 6.05
N THR A 76 3.56 8.74 4.78
CA THR A 76 4.33 9.42 3.75
C THR A 76 3.85 10.85 3.49
N LYS A 77 2.55 11.09 3.56
CA LYS A 77 2.06 12.43 3.23
C LYS A 77 2.67 13.48 4.14
N SER A 78 2.67 13.23 5.45
CA SER A 78 3.28 14.16 6.41
C SER A 78 4.76 14.37 6.09
N TYR A 79 5.45 13.29 5.70
CA TYR A 79 6.87 13.38 5.35
C TYR A 79 7.09 14.37 4.21
N TRP A 80 6.32 14.24 3.12
CA TRP A 80 6.51 15.10 1.96
C TRP A 80 6.07 16.53 2.24
N LYS A 81 5.01 16.70 3.02
CA LYS A 81 4.55 18.05 3.31
C LYS A 81 5.64 18.86 3.99
N ALA A 82 6.37 18.24 4.92
CA ALA A 82 7.44 18.94 5.62
C ALA A 82 8.58 19.33 4.68
N LEU A 83 8.73 18.63 3.56
CA LEU A 83 9.69 19.03 2.55
C LEU A 83 9.11 20.01 1.52
N GLY A 84 7.86 20.44 1.68
CA GLY A 84 7.26 21.38 0.76
C GLY A 84 6.68 20.75 -0.49
N ILE A 85 6.46 19.45 -0.47
CA ILE A 85 5.95 18.72 -1.63
C ILE A 85 4.55 18.22 -1.32
N SER A 86 3.64 18.42 -2.27
CA SER A 86 2.29 17.91 -2.12
C SER A 86 2.22 16.55 -2.78
N PRO A 87 2.15 15.46 -2.03
CA PRO A 87 2.23 14.14 -2.64
C PRO A 87 0.86 13.59 -2.96
N PHE A 88 0.85 12.47 -3.65
CA PHE A 88 -0.39 11.84 -4.06
C PHE A 88 -1.00 11.01 -2.94
N HIS A 89 -0.21 10.14 -2.31
CA HIS A 89 -0.78 9.19 -1.36
C HIS A 89 -0.96 9.76 0.03
N GLU A 90 -1.94 9.21 0.76
CA GLU A 90 -2.11 9.56 2.16
C GLU A 90 -1.02 8.92 3.00
N HIS A 91 -0.71 7.67 2.70
CA HIS A 91 0.30 6.89 3.39
C HIS A 91 0.51 5.66 2.53
N ALA A 92 1.57 4.93 2.85
CA ALA A 92 1.82 3.63 2.27
C ALA A 92 1.36 2.60 3.30
N GLU A 93 0.55 1.63 2.87
CA GLU A 93 -0.02 0.60 3.76
C GLU A 93 0.52 -0.74 3.29
N VAL A 94 1.12 -1.49 4.17
CA VAL A 94 1.70 -2.81 3.87
C VAL A 94 0.98 -3.82 4.74
N VAL A 95 0.19 -4.73 4.12
CA VAL A 95 -0.63 -5.67 4.86
C VAL A 95 -0.16 -7.08 4.55
N PHE A 96 0.09 -7.86 5.60
CA PHE A 96 0.66 -9.18 5.40
C PHE A 96 0.33 -10.11 6.55
N THR A 97 0.28 -11.40 6.27
CA THR A 97 0.23 -12.39 7.34
C THR A 97 1.66 -12.65 7.82
N ALA A 98 1.84 -12.63 9.15
CA ALA A 98 3.13 -12.87 9.78
C ALA A 98 3.09 -14.11 10.67
N ASN A 99 4.22 -14.81 10.69
CA ASN A 99 4.54 -15.93 11.60
C ASN A 99 3.56 -17.09 11.49
N ASP A 100 2.98 -17.30 10.31
CA ASP A 100 2.01 -18.39 10.18
C ASP A 100 2.67 -19.74 9.98
N SER A 101 3.98 -19.76 9.74
CA SER A 101 4.77 -20.98 9.70
C SER A 101 5.90 -20.94 10.72
N GLY A 102 5.64 -20.39 11.90
CA GLY A 102 6.64 -20.21 12.91
C GLY A 102 7.19 -18.82 12.84
N PRO A 103 7.98 -18.44 13.84
CA PRO A 103 8.52 -17.08 13.86
C PRO A 103 9.47 -16.81 12.71
N ARG A 104 9.38 -15.60 12.19
CA ARG A 104 10.28 -15.09 11.17
C ARG A 104 10.64 -13.67 11.56
N ARG A 105 11.73 -13.18 10.96
N ARG A 105 11.73 -13.18 10.97
CA ARG A 105 12.11 -11.78 11.03
CA ARG A 105 12.11 -11.77 11.04
C ARG A 105 11.77 -11.07 9.73
C ARG A 105 11.77 -11.07 9.74
N TYR A 106 11.13 -9.91 9.86
CA TYR A 106 10.60 -9.17 8.73
C TYR A 106 11.25 -7.80 8.66
N THR A 107 11.75 -7.47 7.48
CA THR A 107 12.11 -6.09 7.16
C THR A 107 11.18 -5.59 6.07
N ILE A 108 10.48 -4.49 6.36
CA ILE A 108 9.56 -3.86 5.43
C ILE A 108 10.30 -2.65 4.92
N ALA A 109 10.65 -2.64 3.65
CA ALA A 109 11.38 -1.53 3.04
C ALA A 109 10.44 -0.75 2.14
N ALA A 110 10.57 0.57 2.16
CA ALA A 110 9.75 1.42 1.31
C ALA A 110 10.64 2.46 0.65
N LEU A 111 10.39 2.68 -0.63
CA LEU A 111 11.08 3.69 -1.43
C LEU A 111 10.05 4.71 -1.87
N LEU A 112 10.26 5.96 -1.48
CA LEU A 112 9.24 6.98 -1.64
C LEU A 112 9.57 8.01 -2.71
N SER A 113 8.57 8.33 -3.53
CA SER A 113 8.57 9.48 -4.43
C SER A 113 7.23 10.18 -4.23
N PRO A 114 7.10 11.42 -4.69
CA PRO A 114 5.84 12.13 -4.41
C PRO A 114 4.60 11.46 -4.99
N TYR A 115 4.67 10.85 -6.17
CA TYR A 115 3.52 10.23 -6.81
C TYR A 115 3.67 8.74 -6.97
N SER A 116 4.63 8.13 -6.25
CA SER A 116 4.90 6.72 -6.39
C SER A 116 5.58 6.18 -5.14
N TYR A 117 5.37 4.92 -4.84
CA TYR A 117 6.20 4.27 -3.82
C TYR A 117 6.23 2.79 -4.11
N SER A 118 7.29 2.16 -3.64
N SER A 118 7.33 2.17 -3.65
CA SER A 118 7.43 0.71 -3.76
CA SER A 118 7.57 0.73 -3.77
C SER A 118 7.73 0.16 -2.38
C SER A 118 7.77 0.16 -2.38
N THR A 119 7.31 -1.06 -2.15
CA THR A 119 7.58 -1.67 -0.85
C THR A 119 7.98 -3.10 -1.10
N THR A 120 8.97 -3.52 -0.37
N THR A 120 8.96 -3.62 -0.38
CA THR A 120 9.48 -4.89 -0.50
CA THR A 120 9.47 -4.99 -0.50
C THR A 120 9.57 -5.49 0.90
C THR A 120 9.56 -5.60 0.89
N ALA A 121 9.45 -6.79 1.00
CA ALA A 121 9.62 -7.43 2.30
C ALA A 121 10.84 -8.35 2.20
N VAL A 122 11.70 -8.37 3.22
CA VAL A 122 12.83 -9.31 3.31
C VAL A 122 12.49 -10.16 4.52
N VAL A 123 12.29 -11.45 4.34
CA VAL A 123 11.86 -12.35 5.43
C VAL A 123 12.95 -13.38 5.65
N THR A 124 13.40 -13.49 6.88
CA THR A 124 14.41 -14.49 7.25
C THR A 124 14.05 -15.32 8.49
N ASN A 125 14.70 -16.47 8.64
CA ASN A 125 14.35 -17.45 9.66
C ASN A 125 15.24 -17.26 10.88
N LYS B 10 -14.80 11.53 -19.92
CA LYS B 10 -14.26 10.14 -19.93
C LYS B 10 -13.83 9.78 -18.52
N CYS B 11 -13.81 8.49 -18.25
N CYS B 11 -13.82 8.39 -18.25
CA CYS B 11 -13.56 7.85 -16.93
CA CYS B 11 -13.57 7.76 -16.93
C CYS B 11 -12.53 8.62 -16.11
C CYS B 11 -12.54 8.52 -16.11
N PRO B 12 -12.83 9.03 -14.87
CA PRO B 12 -11.90 9.75 -14.08
C PRO B 12 -10.98 8.90 -13.20
N LEU B 13 -11.24 7.60 -13.10
CA LEU B 13 -10.44 6.67 -12.32
C LEU B 13 -10.26 5.37 -13.06
N MET B 14 -9.00 5.06 -13.36
N MET B 14 -9.00 5.08 -13.41
CA MET B 14 -8.58 3.86 -14.07
CA MET B 14 -8.58 3.86 -14.09
C MET B 14 -7.50 3.14 -13.28
C MET B 14 -7.50 3.14 -13.28
N VAL B 15 -7.47 1.81 -13.38
CA VAL B 15 -6.48 1.00 -12.70
C VAL B 15 -5.78 0.12 -13.72
N LYS B 16 -4.44 0.06 -13.62
CA LYS B 16 -3.62 -0.75 -14.51
C LYS B 16 -2.68 -1.59 -13.64
N VAL B 17 -2.66 -2.90 -13.88
CA VAL B 17 -1.85 -3.82 -13.09
C VAL B 17 -0.97 -4.65 -14.00
N LEU B 18 0.33 -4.71 -13.66
CA LEU B 18 1.35 -5.46 -14.38
C LEU B 18 2.00 -6.51 -13.48
N ASP B 19 2.43 -7.60 -14.10
CA ASP B 19 3.10 -8.74 -13.45
C ASP B 19 4.58 -8.73 -13.82
N ALA B 20 5.43 -8.50 -12.82
CA ALA B 20 6.87 -8.32 -12.99
C ALA B 20 7.63 -9.63 -13.07
N VAL B 21 6.97 -10.74 -12.81
CA VAL B 21 7.55 -12.07 -12.95
C VAL B 21 7.40 -12.58 -14.38
N ARG B 22 6.22 -12.38 -14.97
CA ARG B 22 5.92 -12.85 -16.31
C ARG B 22 6.07 -11.77 -17.39
N GLY B 23 6.19 -10.51 -17.01
CA GLY B 23 6.31 -9.48 -18.02
C GLY B 23 5.05 -9.30 -18.82
N SER B 24 3.93 -9.24 -18.13
CA SER B 24 2.63 -9.26 -18.78
C SER B 24 1.64 -8.44 -17.94
N PRO B 25 0.53 -8.05 -18.58
CA PRO B 25 -0.59 -7.54 -17.77
C PRO B 25 -0.96 -8.58 -16.73
N ALA B 26 -1.41 -8.11 -15.58
CA ALA B 26 -1.98 -8.98 -14.55
C ALA B 26 -3.50 -9.05 -14.78
N ILE B 27 -3.97 -10.19 -15.26
CA ILE B 27 -5.32 -10.42 -15.72
C ILE B 27 -6.15 -11.01 -14.61
N ASN B 28 -7.42 -10.60 -14.62
CA ASN B 28 -8.43 -11.11 -13.71
CA ASN B 28 -8.44 -11.09 -13.68
C ASN B 28 -8.11 -10.82 -12.21
N VAL B 29 -7.49 -9.71 -11.95
CA VAL B 29 -7.18 -9.25 -10.61
C VAL B 29 -8.36 -8.48 -10.05
N ALA B 30 -8.88 -8.91 -8.89
CA ALA B 30 -9.97 -8.16 -8.30
C ALA B 30 -9.47 -6.85 -7.70
N VAL B 31 -10.27 -5.81 -7.88
CA VAL B 31 -9.96 -4.45 -7.43
C VAL B 31 -11.21 -3.92 -6.74
N HIS B 32 -11.06 -3.44 -5.51
CA HIS B 32 -12.15 -2.86 -4.74
C HIS B 32 -11.75 -1.44 -4.39
N VAL B 33 -12.67 -0.50 -4.63
CA VAL B 33 -12.48 0.90 -4.30
C VAL B 33 -13.45 1.25 -3.19
N PHE B 34 -12.97 2.05 -2.25
CA PHE B 34 -13.72 2.52 -1.11
C PHE B 34 -13.56 4.02 -0.99
N ARG B 35 -14.58 4.66 -0.42
N ARG B 35 -14.60 4.67 -0.48
CA ARG B 35 -14.59 6.08 -0.11
CA ARG B 35 -14.52 6.07 -0.10
C ARG B 35 -14.65 6.26 1.42
C ARG B 35 -14.62 6.23 1.41
N LYS B 36 -13.81 7.14 1.94
CA LYS B 36 -13.80 7.42 3.37
C LYS B 36 -15.08 8.18 3.77
N ALA B 37 -15.82 7.62 4.72
CA ALA B 37 -17.06 8.24 5.19
C ALA B 37 -16.78 9.20 6.33
N ALA B 38 -17.80 10.02 6.66
CA ALA B 38 -17.63 11.07 7.65
C ALA B 38 -17.33 10.50 9.04
N ASP B 39 -17.74 9.27 9.32
CA ASP B 39 -17.39 8.59 10.56
C ASP B 39 -16.08 7.81 10.46
N ASP B 40 -15.24 8.11 9.46
CA ASP B 40 -13.89 7.58 9.30
C ASP B 40 -13.84 6.11 8.93
N THR B 41 -14.96 5.52 8.56
CA THR B 41 -14.97 4.15 8.06
C THR B 41 -14.86 4.13 6.53
N TRP B 42 -14.57 2.95 5.99
CA TRP B 42 -14.41 2.78 4.56
C TRP B 42 -15.68 2.23 3.93
N GLU B 43 -16.26 3.02 3.03
N GLU B 43 -16.32 3.03 3.10
CA GLU B 43 -17.54 2.71 2.39
CA GLU B 43 -17.56 2.64 2.43
C GLU B 43 -17.28 2.11 1.03
C GLU B 43 -17.27 2.09 1.04
N PRO B 44 -17.82 0.93 0.72
CA PRO B 44 -17.65 0.41 -0.62
C PRO B 44 -18.13 1.42 -1.65
N PHE B 45 -17.36 1.54 -2.73
CA PHE B 45 -17.60 2.54 -3.76
C PHE B 45 -17.71 1.93 -5.14
N ALA B 46 -16.78 1.07 -5.53
CA ALA B 46 -16.76 0.48 -6.85
C ALA B 46 -15.85 -0.74 -6.84
N SER B 47 -16.07 -1.65 -7.80
CA SER B 47 -15.18 -2.80 -7.92
C SER B 47 -15.24 -3.38 -9.32
N GLY B 48 -14.26 -4.23 -9.62
CA GLY B 48 -14.19 -4.92 -10.89
C GLY B 48 -13.01 -5.87 -10.89
N LYS B 49 -12.79 -6.48 -12.06
CA LYS B 49 -11.66 -7.37 -12.33
C LYS B 49 -10.86 -6.82 -13.51
N THR B 50 -9.53 -6.85 -13.42
CA THR B 50 -8.73 -6.34 -14.54
C THR B 50 -8.99 -7.20 -15.78
N SER B 51 -8.96 -6.56 -16.94
CA SER B 51 -9.18 -7.17 -18.25
C SER B 51 -7.92 -7.90 -18.71
N GLU B 52 -7.98 -8.45 -19.94
N GLU B 52 -7.98 -8.45 -19.94
CA GLU B 52 -6.82 -9.14 -20.50
CA GLU B 52 -6.82 -9.14 -20.52
C GLU B 52 -5.63 -8.20 -20.73
C GLU B 52 -5.63 -8.20 -20.75
N SER B 53 -5.86 -6.90 -20.80
CA SER B 53 -4.80 -5.91 -20.90
C SER B 53 -4.38 -5.39 -19.51
N GLY B 54 -4.88 -5.98 -18.44
CA GLY B 54 -4.49 -5.58 -17.11
C GLY B 54 -5.17 -4.32 -16.65
N GLU B 55 -6.19 -3.87 -17.37
CA GLU B 55 -6.81 -2.59 -17.08
C GLU B 55 -8.22 -2.75 -16.57
N LEU B 56 -8.62 -1.79 -15.75
CA LEU B 56 -9.97 -1.73 -15.22
C LEU B 56 -10.45 -0.31 -15.43
N HIS B 57 -11.42 -0.18 -16.32
N HIS B 57 -11.44 -0.15 -16.29
CA HIS B 57 -12.10 1.07 -16.68
CA HIS B 57 -12.05 1.15 -16.51
C HIS B 57 -13.54 1.04 -16.16
C HIS B 57 -13.54 1.04 -16.23
N GLY B 58 -14.19 2.20 -16.23
CA GLY B 58 -15.61 2.25 -15.90
C GLY B 58 -15.95 2.05 -14.45
N LEU B 59 -15.02 2.31 -13.53
CA LEU B 59 -15.29 2.14 -12.12
C LEU B 59 -16.30 3.16 -11.63
N THR B 60 -16.22 4.39 -12.13
CA THR B 60 -17.08 5.46 -11.64
C THR B 60 -17.27 6.50 -12.74
N THR B 61 -18.02 7.54 -12.40
CA THR B 61 -18.31 8.61 -13.33
C THR B 61 -17.82 9.92 -12.72
N GLU B 62 -17.74 10.94 -13.58
CA GLU B 62 -17.34 12.25 -13.08
C GLU B 62 -18.28 12.76 -12.00
N GLU B 63 -19.59 12.54 -12.22
CA GLU B 63 -20.59 13.03 -11.29
C GLU B 63 -20.40 12.44 -9.88
N GLU B 64 -20.09 11.15 -9.80
N GLU B 64 -20.04 11.18 -9.83
CA GLU B 64 -20.04 10.52 -8.48
CA GLU B 64 -20.03 10.49 -8.50
C GLU B 64 -18.68 10.62 -7.82
C GLU B 64 -18.66 10.53 -7.84
N PHE B 65 -17.61 10.78 -8.60
CA PHE B 65 -16.24 10.80 -8.08
C PHE B 65 -15.89 12.19 -7.54
N VAL B 66 -16.49 12.53 -6.41
CA VAL B 66 -16.29 13.85 -5.80
C VAL B 66 -15.02 13.86 -4.97
N GLU B 67 -14.59 15.04 -4.53
CA GLU B 67 -13.42 15.14 -3.68
C GLU B 67 -13.62 14.31 -2.42
N GLY B 68 -12.54 13.72 -1.96
CA GLY B 68 -12.59 12.89 -0.78
C GLY B 68 -11.38 11.98 -0.77
N ILE B 69 -11.32 11.15 0.25
CA ILE B 69 -10.24 10.19 0.36
C ILE B 69 -10.77 8.87 -0.12
N TYR B 70 -9.98 8.22 -0.97
CA TYR B 70 -10.33 6.95 -1.57
C TYR B 70 -9.22 5.94 -1.31
N LYS B 71 -9.64 4.68 -1.26
N LYS B 71 -9.64 4.67 -1.29
CA LYS B 71 -8.75 3.53 -1.11
CA LYS B 71 -8.76 3.52 -1.12
C LYS B 71 -9.03 2.57 -2.26
C LYS B 71 -9.03 2.57 -2.26
N VAL B 72 -7.97 2.19 -2.97
CA VAL B 72 -8.03 1.19 -4.03
C VAL B 72 -7.28 -0.02 -3.49
N GLU B 73 -8.01 -1.13 -3.28
N GLU B 73 -8.00 -1.13 -3.32
CA GLU B 73 -7.46 -2.39 -2.83
CA GLU B 73 -7.43 -2.38 -2.83
C GLU B 73 -7.33 -3.34 -4.02
C GLU B 73 -7.33 -3.35 -4.00
N ILE B 74 -6.11 -3.83 -4.26
CA ILE B 74 -5.82 -4.73 -5.37
C ILE B 74 -5.54 -6.10 -4.74
N ASP B 75 -6.34 -7.10 -5.10
N ASP B 75 -6.35 -7.11 -5.09
CA ASP B 75 -6.28 -8.40 -4.43
CA ASP B 75 -6.28 -8.42 -4.43
C ASP B 75 -5.14 -9.25 -5.01
C ASP B 75 -5.12 -9.23 -5.02
N THR B 76 -3.92 -8.86 -4.61
CA THR B 76 -2.70 -9.47 -5.16
C THR B 76 -2.53 -10.92 -4.68
N LYS B 77 -2.92 -11.20 -3.44
CA LYS B 77 -2.73 -12.54 -2.89
C LYS B 77 -3.42 -13.58 -3.74
N SER B 78 -4.70 -13.36 -4.07
CA SER B 78 -5.44 -14.32 -4.90
C SER B 78 -4.81 -14.49 -6.27
N TYR B 79 -4.24 -13.41 -6.80
CA TYR B 79 -3.58 -13.45 -8.11
C TYR B 79 -2.41 -14.42 -8.09
N TRP B 80 -1.52 -14.27 -7.11
CA TRP B 80 -0.32 -15.12 -7.01
C TRP B 80 -0.70 -16.55 -6.71
N LYS B 81 -1.68 -16.76 -5.83
CA LYS B 81 -2.14 -18.11 -5.51
C LYS B 81 -2.63 -18.84 -6.76
N ALA B 82 -3.36 -18.16 -7.64
CA ALA B 82 -3.82 -18.80 -8.87
C ALA B 82 -2.67 -19.18 -9.79
N LEU B 83 -1.53 -18.52 -9.67
CA LEU B 83 -0.34 -18.86 -10.43
C LEU B 83 0.55 -19.86 -9.71
N GLY B 84 0.14 -20.33 -8.52
CA GLY B 84 0.94 -21.28 -7.76
C GLY B 84 2.15 -20.68 -7.08
N ILE B 85 2.13 -19.38 -6.83
CA ILE B 85 3.26 -18.68 -6.24
C ILE B 85 2.85 -18.15 -4.87
N SER B 86 3.71 -18.35 -3.88
CA SER B 86 3.41 -17.95 -2.52
C SER B 86 3.76 -16.49 -2.32
N PRO B 87 2.79 -15.60 -2.05
CA PRO B 87 3.12 -14.18 -1.97
C PRO B 87 3.27 -13.64 -0.57
N PHE B 88 3.75 -12.42 -0.44
CA PHE B 88 3.88 -11.82 0.88
C PHE B 88 2.63 -11.04 1.33
N HIS B 89 2.14 -10.13 0.50
CA HIS B 89 1.07 -9.24 0.91
C HIS B 89 -0.31 -9.86 0.81
N GLU B 90 -1.21 -9.35 1.64
CA GLU B 90 -2.62 -9.73 1.52
C GLU B 90 -3.24 -9.07 0.31
N HIS B 91 -2.92 -7.81 0.09
CA HIS B 91 -3.34 -7.05 -1.06
C HIS B 91 -2.43 -5.84 -1.10
N ALA B 92 -2.54 -5.08 -2.18
CA ALA B 92 -1.89 -3.80 -2.30
C ALA B 92 -2.97 -2.74 -2.11
N GLU B 93 -2.72 -1.78 -1.24
CA GLU B 93 -3.72 -0.73 -0.88
C GLU B 93 -3.14 0.62 -1.28
N VAL B 94 -3.88 1.41 -2.04
CA VAL B 94 -3.48 2.72 -2.51
C VAL B 94 -4.50 3.71 -1.96
N VAL B 95 -4.05 4.62 -1.09
CA VAL B 95 -4.93 5.54 -0.40
C VAL B 95 -4.53 6.96 -0.78
N PHE B 96 -5.50 7.74 -1.23
CA PHE B 96 -5.21 9.06 -1.77
C PHE B 96 -6.41 9.97 -1.65
N THR B 97 -6.14 11.27 -1.73
CA THR B 97 -7.19 12.28 -1.85
C THR B 97 -7.40 12.63 -3.32
N ALA B 98 -8.65 12.53 -3.75
CA ALA B 98 -9.05 12.99 -5.06
C ALA B 98 -9.43 14.46 -4.97
N ASN B 99 -8.93 15.32 -5.86
CA ASN B 99 -9.22 16.78 -5.75
C ASN B 99 -9.49 17.41 -7.12
N ASP B 100 -10.26 18.48 -7.11
CA ASP B 100 -10.83 19.11 -8.32
C ASP B 100 -9.89 20.09 -9.02
N SER B 101 -9.16 20.94 -8.35
CA SER B 101 -8.32 21.89 -9.13
C SER B 101 -6.99 21.19 -9.41
N GLY B 102 -6.91 20.41 -10.47
CA GLY B 102 -5.71 19.65 -10.86
C GLY B 102 -6.02 18.74 -12.04
N PRO B 103 -5.08 17.96 -12.60
CA PRO B 103 -5.41 17.06 -13.72
C PRO B 103 -6.59 16.12 -13.38
N ARG B 104 -7.46 15.88 -14.35
CA ARG B 104 -8.76 15.21 -14.11
C ARG B 104 -8.69 13.69 -14.07
N ARG B 105 -8.01 13.06 -15.00
CA ARG B 105 -7.99 11.61 -15.10
C ARG B 105 -6.94 11.06 -14.13
N TYR B 106 -7.35 10.16 -13.23
CA TYR B 106 -6.43 9.44 -12.35
C TYR B 106 -6.23 8.04 -12.88
N THR B 107 -4.97 7.66 -13.08
CA THR B 107 -4.60 6.28 -13.37
C THR B 107 -3.73 5.77 -12.25
N ILE B 108 -4.18 4.70 -11.61
CA ILE B 108 -3.46 4.06 -10.52
C ILE B 108 -2.79 2.84 -11.13
N ALA B 109 -1.47 2.86 -11.24
CA ALA B 109 -0.74 1.76 -11.84
C ALA B 109 -0.05 0.98 -10.74
N ALA B 110 -0.07 -0.35 -10.85
CA ALA B 110 0.60 -1.19 -9.87
C ALA B 110 1.43 -2.23 -10.61
N LEU B 111 2.66 -2.42 -10.13
CA LEU B 111 3.60 -3.40 -10.66
C LEU B 111 3.83 -4.42 -9.57
N LEU B 112 3.48 -5.68 -9.85
CA LEU B 112 3.44 -6.72 -8.86
C LEU B 112 4.57 -7.74 -8.96
N SER B 113 5.18 -8.06 -7.82
CA SER B 113 6.11 -9.17 -7.62
C SER B 113 5.67 -9.93 -6.36
N PRO B 114 6.09 -11.17 -6.19
CA PRO B 114 5.55 -11.92 -5.03
C PRO B 114 5.83 -11.27 -3.68
N TYR B 115 6.99 -10.64 -3.49
CA TYR B 115 7.37 -10.03 -2.21
C TYR B 115 7.54 -8.52 -2.32
N SER B 116 7.06 -7.92 -3.40
CA SER B 116 7.21 -6.49 -3.58
C SER B 116 6.13 -5.95 -4.51
N TYR B 117 5.78 -4.69 -4.31
CA TYR B 117 4.99 -4.03 -5.36
C TYR B 117 5.30 -2.56 -5.34
N SER B 118 5.06 -1.95 -6.49
N SER B 118 5.02 -1.93 -6.48
CA SER B 118 5.16 -0.51 -6.62
CA SER B 118 5.15 -0.49 -6.65
C SER B 118 3.85 0.01 -7.18
C SER B 118 3.83 0.03 -7.18
N THR B 119 3.52 1.24 -6.80
CA THR B 119 2.31 1.86 -7.30
C THR B 119 2.65 3.30 -7.60
N THR B 120 2.10 3.76 -8.70
N THR B 120 2.03 3.79 -8.65
CA THR B 120 2.32 5.12 -9.18
CA THR B 120 2.30 5.10 -9.22
C THR B 120 0.98 5.68 -9.64
C THR B 120 0.97 5.69 -9.64
N ALA B 121 0.83 6.99 -9.50
CA ALA B 121 -0.34 7.70 -9.96
C ALA B 121 0.07 8.57 -11.13
N VAL B 122 -0.69 8.46 -12.21
CA VAL B 122 -0.56 9.30 -13.39
C VAL B 122 -1.81 10.15 -13.44
N VAL B 123 -1.65 11.43 -13.14
CA VAL B 123 -2.78 12.38 -13.06
C VAL B 123 -2.69 13.31 -14.26
N THR B 124 -3.64 13.26 -15.21
CA THR B 124 -3.60 14.04 -16.47
C THR B 124 -4.98 14.55 -16.86
N ASN B 125 -5.01 15.56 -17.74
CA ASN B 125 -6.26 16.10 -18.33
C ASN B 125 -5.95 16.39 -19.80
C01 NEK C . 13.91 -0.67 -2.96
C02 NEK C . 15.11 -0.19 -3.14
C03 NEK C . 16.17 -0.35 -2.05
C04 NEK C . 15.87 -0.96 -0.93
C05 NEK C . 14.46 -1.52 -0.71
C06 NEK C . 13.55 -1.38 -1.65
C08 NEK C . 16.93 -1.11 0.17
C11 NEK C . 20.09 0.19 0.75
C12 NEK C . 20.53 0.78 2.12
C13 NEK C . 21.14 2.19 2.05
N09 NEK C . 18.05 -0.58 0.03
O07 NEK C . 12.94 -0.53 -3.96
O10 NEK C . 19.02 -0.70 1.03
O14 NEK C . 20.81 3.09 2.87
O15 NEK C . 22.00 2.37 1.18
H02 NEK C . 15.33 0.24 -3.93
H03 NEK C . 17.02 -0.01 -2.18
H05 NEK C . 14.25 -1.95 0.08
H06 NEK C . 12.69 -1.72 -1.52
H08 NEK C . 16.74 -1.61 0.93
H111 NEK C . 20.82 -0.30 0.33
H112 NEK C . 19.80 0.89 0.15
H121 NEK C . 19.76 0.81 2.70
H122 NEK C . 21.19 0.18 2.50
HO07 NEK C . 12.17 -0.45 -3.60
C01 NEK D . 6.75 0.84 -13.23
C02 NEK D . 5.84 1.58 -12.65
C03 NEK D . 4.59 1.98 -13.43
C04 NEK D . 4.43 1.60 -14.67
C05 NEK D . 5.49 0.75 -15.36
C06 NEK D . 6.56 0.39 -14.68
C08 NEK D . 3.18 1.99 -15.45
C11 NEK D . 1.79 1.60 -18.44
C12 NEK D . 2.74 0.49 -18.88
C13 NEK D . 2.51 0.16 -20.36
N09 NEK D . 2.74 1.24 -16.35
O07 NEK D . 7.92 0.46 -12.54
O10 NEK D . 1.59 1.60 -17.06
O14 NEK D . 1.88 -0.88 -20.69
O15 NEK D . 2.96 0.92 -21.25
H02 NEK D . 5.95 1.86 -11.77
H03 NEK D . 3.94 2.50 -13.02
H05 NEK D . 5.38 0.47 -16.23
H06 NEK D . 7.21 -0.13 -15.09
H08 NEK D . 2.74 2.80 -15.26
H111 NEK D . 2.17 2.46 -18.69
H112 NEK D . 0.94 1.48 -18.88
H121 NEK D . 2.59 -0.30 -18.34
H122 NEK D . 3.67 0.78 -18.75
HO07 NEK D . 7.71 -0.08 -11.93
#